data_2YMV
#
_entry.id   2YMV
#
_cell.length_a   167.799
_cell.length_b   167.799
_cell.length_c   43.980
_cell.angle_alpha   90.00
_cell.angle_beta   90.00
_cell.angle_gamma   120.00
#
_symmetry.space_group_name_H-M   'P 3 2 1'
#
loop_
_entity.id
_entity.type
_entity.pdbx_description
1 polymer 'ACG NITROREDUCTASE'
2 non-polymer 1-DEOXY-1-(7,8-DIMETHYL-2,4-DIOXO-3,4-DIHYDRO-2H-BENZO[G]PTERIDIN-1-ID-10(5H)-YL)-5-O-PHOSPHONATO-D-RIBITOL
3 non-polymer 'FORMIC ACID'
4 non-polymer IMIDAZOLE
5 non-polymer 'ACETATE ION'
6 non-polymer 'TRIETHYLENE GLYCOL'
7 water water
#
_entity_poly.entity_id   1
_entity_poly.type   'polypeptide(L)'
_entity_poly.pdbx_seq_one_letter_code
;S(MSE)SDTRLDVATLANAVQLAARAPSLHNTQPWRLIAEDGELKLFLDPSRVVRSTDRSSREAV(MSE)SCGVLLDHLR
VALAAAGWDTEVQRFPNPNDRDHLATLSFRPLQFVTEGHRKRADAILARRTDRLP(MSE)SAYVDWDAFETLLRARLGDG
PVH(MSE)DTLGEDVREEVAEAAALTESLRLYDAAYHSELAWWTTPFATEDGIPQTALISAEESERVAVSRDFPVAPHSS
RRPALNNDAATIVVLSTDGYSREDALDAGEGLSKVLLECT(MSE)SGLATCPVTHVTELHTSRDIIGRLIVRDACPQVLV
RIGLAPALDEVPPPTPRRPVDAFLEVRPRS
;
_entity_poly.pdbx_strand_id   A
#
# COMPACT_ATOMS: atom_id res chain seq x y z
N SER A 3 -31.03 13.84 12.56
CA SER A 3 -29.64 14.17 12.25
C SER A 3 -28.69 12.98 12.50
N ASP A 4 -29.17 12.00 13.26
CA ASP A 4 -28.33 10.94 13.80
C ASP A 4 -27.87 9.92 12.77
N THR A 5 -28.49 9.90 11.59
CA THR A 5 -28.10 9.01 10.55
C THR A 5 -27.14 9.66 9.54
N ARG A 6 -26.75 10.92 9.80
CA ARG A 6 -25.81 11.58 8.91
C ARG A 6 -24.45 11.65 9.59
N LEU A 7 -23.39 11.19 8.92
CA LEU A 7 -22.10 11.25 9.54
C LEU A 7 -21.68 12.70 9.81
N ASP A 8 -21.20 12.95 11.01
CA ASP A 8 -20.74 14.26 11.44
C ASP A 8 -19.25 14.50 11.11
N VAL A 9 -18.90 15.76 10.91
CA VAL A 9 -17.56 16.19 10.53
C VAL A 9 -16.51 15.72 11.51
N ALA A 10 -16.74 15.85 12.82
CA ALA A 10 -15.72 15.50 13.77
C ALA A 10 -15.38 14.02 13.65
N THR A 11 -16.40 13.18 13.55
CA THR A 11 -16.14 11.75 13.46
C THR A 11 -15.48 11.42 12.12
N LEU A 12 -15.94 12.05 11.06
CA LEU A 12 -15.33 11.86 9.76
C LEU A 12 -13.84 12.24 9.82
N ALA A 13 -13.55 13.39 10.42
CA ALA A 13 -12.17 13.89 10.38
C ALA A 13 -11.26 13.01 11.20
N ASN A 14 -11.78 12.52 12.31
CA ASN A 14 -11.04 11.59 13.11
C ASN A 14 -10.73 10.30 12.34
N ALA A 15 -11.71 9.82 11.60
CA ALA A 15 -11.46 8.63 10.81
C ALA A 15 -10.46 8.90 9.68
N VAL A 16 -10.51 10.09 9.11
CA VAL A 16 -9.54 10.45 8.06
C VAL A 16 -8.11 10.47 8.64
N GLN A 17 -7.96 11.04 9.82
CA GLN A 17 -6.66 11.11 10.47
CA GLN A 17 -6.65 11.11 10.48
C GLN A 17 -6.09 9.72 10.68
N LEU A 18 -6.93 8.77 11.08
CA LEU A 18 -6.49 7.39 11.21
C LEU A 18 -6.18 6.77 9.84
N ALA A 19 -7.09 6.96 8.89
CA ALA A 19 -6.96 6.30 7.57
C ALA A 19 -5.74 6.80 6.82
N ALA A 20 -5.32 8.03 7.09
CA ALA A 20 -4.18 8.62 6.41
C ALA A 20 -2.84 7.93 6.75
N ARG A 21 -2.83 7.06 7.76
CA ARG A 21 -1.74 6.12 7.92
C ARG A 21 -1.55 5.18 6.75
N ALA A 22 -2.49 5.16 5.82
CA ALA A 22 -2.35 4.31 4.66
C ALA A 22 -0.99 4.50 4.02
N PRO A 23 -0.39 3.41 3.61
CA PRO A 23 0.81 3.48 2.78
C PRO A 23 0.54 4.00 1.40
N SER A 24 1.58 4.50 0.76
CA SER A 24 1.49 5.09 -0.57
C SER A 24 2.89 5.06 -1.19
N LEU A 25 2.96 5.06 -2.49
CA LEU A 25 4.27 5.07 -3.16
C LEU A 25 5.14 6.22 -2.61
N HIS A 26 6.31 5.83 -2.16
CA HIS A 26 7.29 6.77 -1.63
C HIS A 26 6.68 7.68 -0.57
N ASN A 27 5.63 7.25 0.11
CA ASN A 27 4.98 8.09 1.13
C ASN A 27 4.60 9.45 0.55
N THR A 28 4.13 9.40 -0.68
CA THR A 28 3.61 10.59 -1.35
C THR A 28 2.22 11.02 -0.96
N GLN A 29 1.41 10.12 -0.47
CA GLN A 29 0.07 10.45 0.01
C GLN A 29 -0.71 11.24 -1.03
N PRO A 30 -0.90 10.70 -2.25
CA PRO A 30 -1.32 11.53 -3.38
C PRO A 30 -2.84 11.61 -3.52
N TRP A 31 -3.47 11.95 -2.41
CA TRP A 31 -4.92 11.95 -2.27
C TRP A 31 -5.43 13.32 -1.86
N ARG A 32 -6.63 13.60 -2.32
CA ARG A 32 -7.42 14.81 -1.96
C ARG A 32 -8.81 14.33 -1.61
N LEU A 33 -9.36 14.85 -0.53
CA LEU A 33 -10.67 14.49 -0.11
C LEU A 33 -11.55 15.73 -0.03
N ILE A 34 -12.80 15.57 -0.43
CA ILE A 34 -13.81 16.65 -0.29
C ILE A 34 -15.03 16.10 0.40
N ALA A 35 -15.33 16.66 1.58
CA ALA A 35 -16.58 16.34 2.30
C ALA A 35 -17.63 17.36 1.88
N GLU A 36 -18.73 16.87 1.32
CA GLU A 36 -19.77 17.75 0.78
C GLU A 36 -21.07 17.01 0.71
N ASP A 37 -22.13 17.67 1.16
CA ASP A 37 -23.48 17.09 1.14
C ASP A 37 -23.57 15.69 1.73
N GLY A 38 -22.86 15.46 2.84
CA GLY A 38 -22.93 14.22 3.59
C GLY A 38 -22.11 13.08 3.02
N GLU A 39 -21.43 13.36 1.92
CA GLU A 39 -20.60 12.36 1.28
C GLU A 39 -19.14 12.77 1.30
N LEU A 40 -18.27 11.84 0.93
CA LEU A 40 -16.85 12.13 0.89
C LEU A 40 -16.32 11.71 -0.47
N LYS A 41 -15.78 12.65 -1.20
CA LYS A 41 -15.24 12.41 -2.52
C LYS A 41 -13.76 12.25 -2.42
N LEU A 42 -13.25 11.23 -3.09
CA LEU A 42 -11.81 10.89 -3.13
C LEU A 42 -11.28 11.17 -4.52
N PHE A 43 -10.26 12.01 -4.58
CA PHE A 43 -9.62 12.41 -5.80
C PHE A 43 -8.15 12.04 -5.74
N LEU A 44 -7.61 11.66 -6.88
CA LEU A 44 -6.17 11.66 -7.08
C LEU A 44 -5.69 13.12 -7.01
N ASP A 45 -4.56 13.33 -6.35
CA ASP A 45 -3.85 14.61 -6.40
C ASP A 45 -2.72 14.53 -7.43
N PRO A 46 -3.00 15.05 -8.62
CA PRO A 46 -2.01 14.89 -9.69
C PRO A 46 -0.69 15.57 -9.42
N SER A 47 -0.66 16.52 -8.49
CA SER A 47 0.57 17.20 -8.18
C SER A 47 1.52 16.36 -7.36
N ARG A 48 1.00 15.25 -6.84
CA ARG A 48 1.75 14.34 -6.01
CA ARG A 48 1.75 14.36 -6.01
C ARG A 48 2.02 13.01 -6.66
N VAL A 49 1.89 12.97 -7.96
CA VAL A 49 2.29 11.79 -8.77
C VAL A 49 3.80 11.89 -9.06
N VAL A 50 4.48 10.73 -9.04
CA VAL A 50 5.91 10.60 -9.22
C VAL A 50 6.07 10.28 -10.71
N ARG A 51 6.32 11.32 -11.51
CA ARG A 51 5.99 11.29 -12.93
C ARG A 51 6.72 10.21 -13.75
N SER A 52 8.05 10.13 -13.63
CA SER A 52 8.77 9.12 -14.39
C SER A 52 8.63 7.72 -13.80
N THR A 53 8.53 7.68 -12.49
CA THR A 53 8.48 6.42 -11.75
C THR A 53 7.19 5.66 -12.01
N ASP A 54 6.10 6.43 -12.07
CA ASP A 54 4.75 5.87 -12.00
C ASP A 54 3.95 6.22 -13.24
N ARG A 55 4.18 5.44 -14.29
CA ARG A 55 3.47 5.68 -15.55
C ARG A 55 1.97 5.52 -15.36
N SER A 56 1.23 6.40 -15.99
CA SER A 56 -0.23 6.42 -15.93
C SER A 56 -0.81 6.75 -14.58
N SER A 57 0.05 7.22 -13.64
CA SER A 57 -0.39 7.47 -12.26
C SER A 57 -0.97 6.24 -11.60
N ARG A 58 -0.54 5.04 -12.07
CA ARG A 58 -1.12 3.80 -11.57
C ARG A 58 -0.94 3.61 -10.08
N GLU A 59 0.29 3.83 -9.59
CA GLU A 59 0.55 3.63 -8.19
C GLU A 59 0.00 4.77 -7.31
N ALA A 60 -0.11 5.96 -7.88
CA ALA A 60 -0.77 7.05 -7.17
C ALA A 60 -2.26 6.69 -6.98
N VAL A 61 -2.91 6.21 -8.03
CA VAL A 61 -4.28 5.78 -7.89
C VAL A 61 -4.39 4.58 -6.96
N SER A 63 -2.49 3.97 -4.48
CA SER A 63 -2.31 4.49 -3.13
C SER A 63 -3.61 5.07 -2.60
N CYS A 64 -4.33 5.75 -3.48
CA CYS A 64 -5.67 6.26 -3.12
C CYS A 64 -6.65 5.15 -2.83
N GLY A 65 -6.52 4.04 -3.55
CA GLY A 65 -7.29 2.84 -3.21
C GLY A 65 -7.00 2.26 -1.85
N VAL A 66 -5.72 2.31 -1.46
CA VAL A 66 -5.38 1.88 -0.13
C VAL A 66 -6.06 2.80 0.91
N LEU A 67 -5.99 4.10 0.69
CA LEU A 67 -6.70 5.06 1.54
C LEU A 67 -8.19 4.76 1.57
N LEU A 68 -8.77 4.45 0.42
CA LEU A 68 -10.22 4.17 0.34
C LEU A 68 -10.60 3.05 1.30
N ASP A 69 -9.87 1.95 1.23
CA ASP A 69 -10.15 0.85 2.13
C ASP A 69 -9.87 1.21 3.60
N HIS A 70 -8.79 1.94 3.84
CA HIS A 70 -8.48 2.39 5.18
C HIS A 70 -9.62 3.24 5.78
N LEU A 71 -10.20 4.07 4.94
CA LEU A 71 -11.28 4.93 5.41
C LEU A 71 -12.48 4.06 5.81
N ARG A 72 -12.77 3.05 5.03
CA ARG A 72 -13.84 2.16 5.38
C ARG A 72 -13.60 1.47 6.69
N VAL A 73 -12.36 1.02 6.90
CA VAL A 73 -12.01 0.36 8.11
C VAL A 73 -12.11 1.32 9.29
N ALA A 74 -11.54 2.49 9.13
CA ALA A 74 -11.56 3.47 10.20
C ALA A 74 -12.99 3.81 10.58
N LEU A 75 -13.83 4.03 9.57
CA LEU A 75 -15.22 4.41 9.85
C LEU A 75 -16.01 3.29 10.46
N ALA A 76 -15.78 2.04 10.08
CA ALA A 76 -16.51 0.93 10.70
C ALA A 76 -16.22 0.87 12.18
N ALA A 77 -14.96 1.08 12.58
CA ALA A 77 -14.63 1.05 13.98
C ALA A 77 -15.28 2.20 14.74
N ALA A 78 -15.68 3.24 14.01
CA ALA A 78 -16.35 4.40 14.57
C ALA A 78 -17.88 4.26 14.53
N GLY A 79 -18.35 3.14 14.02
CA GLY A 79 -19.79 2.85 13.95
C GLY A 79 -20.48 3.11 12.64
N TRP A 80 -19.69 3.37 11.58
CA TRP A 80 -20.27 3.78 10.33
C TRP A 80 -19.93 2.84 9.20
N ASP A 81 -20.95 2.38 8.49
CA ASP A 81 -20.77 1.62 7.28
C ASP A 81 -20.52 2.58 6.13
N THR A 82 -19.87 2.07 5.10
CA THR A 82 -19.53 2.84 3.92
CA THR A 82 -19.56 2.83 3.91
C THR A 82 -20.02 2.12 2.64
N GLU A 83 -20.56 2.90 1.74
CA GLU A 83 -20.88 2.47 0.40
CA GLU A 83 -20.94 2.48 0.44
C GLU A 83 -20.07 3.29 -0.56
N VAL A 84 -19.53 2.62 -1.57
CA VAL A 84 -18.63 3.27 -2.50
C VAL A 84 -19.11 3.26 -3.93
N GLN A 85 -19.12 4.44 -4.54
CA GLN A 85 -19.26 4.59 -5.97
C GLN A 85 -17.90 4.93 -6.59
N ARG A 86 -17.40 4.03 -7.43
CA ARG A 86 -16.09 4.22 -8.05
C ARG A 86 -16.21 4.94 -9.41
N PHE A 87 -15.29 5.87 -9.67
CA PHE A 87 -15.23 6.66 -10.87
C PHE A 87 -16.60 7.17 -11.27
N PRO A 88 -17.21 7.97 -10.38
CA PRO A 88 -18.59 8.38 -10.58
C PRO A 88 -18.80 9.45 -11.64
N ASN A 89 -17.73 10.03 -12.15
CA ASN A 89 -17.84 11.15 -13.08
C ASN A 89 -16.95 10.97 -14.28
N PRO A 90 -17.53 10.51 -15.40
CA PRO A 90 -16.77 10.26 -16.63
C PRO A 90 -16.01 11.47 -17.14
N ASN A 91 -16.42 12.67 -16.73
CA ASN A 91 -15.75 13.89 -17.16
C ASN A 91 -14.57 14.30 -16.25
N ASP A 92 -14.34 13.55 -15.16
CA ASP A 92 -13.19 13.87 -14.33
C ASP A 92 -12.59 12.53 -13.82
N ARG A 93 -11.61 12.03 -14.54
CA ARG A 93 -11.01 10.75 -14.21
C ARG A 93 -10.14 10.85 -12.97
N ASP A 94 -9.90 12.07 -12.46
CA ASP A 94 -9.24 12.19 -11.14
C ASP A 94 -10.18 11.98 -9.96
N HIS A 95 -11.47 11.95 -10.24
CA HIS A 95 -12.44 11.67 -9.20
C HIS A 95 -12.62 10.16 -9.11
N LEU A 96 -11.95 9.58 -8.13
CA LEU A 96 -11.80 8.14 -8.05
C LEU A 96 -12.96 7.44 -7.37
N ALA A 97 -13.58 8.09 -6.38
CA ALA A 97 -14.66 7.44 -5.68
C ALA A 97 -15.46 8.48 -4.90
N THR A 98 -16.70 8.12 -4.62
CA THR A 98 -17.52 8.88 -3.66
C THR A 98 -18.04 7.89 -2.62
N LEU A 99 -17.85 8.23 -1.36
CA LEU A 99 -18.29 7.40 -0.26
C LEU A 99 -19.52 8.02 0.39
N SER A 100 -20.49 7.16 0.72
CA SER A 100 -21.61 7.55 1.52
C SER A 100 -21.73 6.63 2.72
N PHE A 101 -22.45 7.10 3.74
CA PHE A 101 -22.34 6.48 5.04
C PHE A 101 -23.69 6.17 5.67
N ARG A 102 -23.72 5.14 6.48
CA ARG A 102 -24.94 4.75 7.20
CA ARG A 102 -24.94 4.75 7.21
C ARG A 102 -24.48 4.12 8.49
N PRO A 103 -25.19 4.34 9.58
CA PRO A 103 -24.76 3.73 10.83
C PRO A 103 -24.82 2.21 10.82
N LEU A 104 -23.81 1.60 11.41
CA LEU A 104 -23.86 0.18 11.79
C LEU A 104 -24.75 -0.03 13.01
N GLN A 105 -25.21 -1.26 13.23
CA GLN A 105 -25.91 -1.60 14.47
C GLN A 105 -24.96 -1.84 15.62
N PHE A 106 -23.76 -2.33 15.31
CA PHE A 106 -22.75 -2.48 16.32
C PHE A 106 -21.36 -2.66 15.73
N VAL A 107 -20.38 -2.32 16.53
CA VAL A 107 -18.99 -2.44 16.13
C VAL A 107 -18.44 -3.71 16.74
N THR A 108 -17.91 -4.59 15.89
CA THR A 108 -17.42 -5.84 16.33
C THR A 108 -15.96 -5.74 16.78
N GLU A 109 -15.50 -6.79 17.46
CA GLU A 109 -14.12 -6.91 17.84
C GLU A 109 -13.24 -6.87 16.56
N GLY A 110 -13.69 -7.57 15.53
CA GLY A 110 -13.01 -7.53 14.23
C GLY A 110 -12.80 -6.13 13.71
N HIS A 111 -13.85 -5.32 13.77
CA HIS A 111 -13.74 -3.93 13.32
C HIS A 111 -12.64 -3.18 14.12
N ARG A 112 -12.63 -3.39 15.44
CA ARG A 112 -11.68 -2.72 16.32
CA ARG A 112 -11.69 -2.70 16.30
C ARG A 112 -10.25 -3.17 16.05
N LYS A 113 -10.07 -4.47 15.89
CA LYS A 113 -8.74 -5.02 15.67
C LYS A 113 -8.21 -4.54 14.33
N ARG A 114 -9.09 -4.40 13.34
CA ARG A 114 -8.62 -4.01 12.03
C ARG A 114 -8.22 -2.52 12.07
N ALA A 115 -8.99 -1.69 12.77
CA ALA A 115 -8.60 -0.30 12.92
C ALA A 115 -7.34 -0.15 13.76
N ASP A 116 -7.11 -1.03 14.73
CA ASP A 116 -5.86 -1.00 15.48
C ASP A 116 -4.69 -1.31 14.51
N ALA A 117 -4.95 -2.24 13.58
CA ALA A 117 -3.92 -2.64 12.63
C ALA A 117 -3.48 -1.49 11.77
N ILE A 118 -4.38 -0.59 11.45
CA ILE A 118 -3.99 0.59 10.68
C ILE A 118 -2.85 1.33 11.35
N LEU A 119 -2.93 1.48 12.67
CA LEU A 119 -1.93 2.24 13.41
C LEU A 119 -0.67 1.47 13.61
N ALA A 120 -0.78 0.17 13.70
CA ALA A 120 0.37 -0.69 13.96
C ALA A 120 1.21 -0.97 12.72
N ARG A 121 0.56 -1.01 11.54
CA ARG A 121 1.28 -1.39 10.33
C ARG A 121 2.39 -0.41 9.98
N ARG A 122 3.53 -0.99 9.56
CA ARG A 122 4.65 -0.24 8.98
C ARG A 122 5.30 -1.09 7.89
N THR A 123 6.01 -0.41 6.98
CA THR A 123 6.79 -1.11 5.98
C THR A 123 8.15 -1.49 6.51
N ASP A 124 8.48 -2.78 6.44
CA ASP A 124 9.69 -3.33 7.05
C ASP A 124 10.61 -3.88 5.98
N ARG A 125 11.66 -3.12 5.73
CA ARG A 125 12.61 -3.44 4.65
C ARG A 125 13.75 -4.34 5.10
N LEU A 126 13.76 -4.71 6.36
CA LEU A 126 14.78 -5.65 6.84
C LEU A 126 14.41 -7.07 6.51
N PRO A 127 15.38 -7.96 6.51
CA PRO A 127 15.03 -9.36 6.26
C PRO A 127 14.05 -9.91 7.32
N SER A 129 11.87 -13.58 8.78
CA SER A 129 11.71 -15.01 8.84
CA SER A 129 11.73 -15.01 8.77
C SER A 129 10.39 -15.42 8.18
N ALA A 130 10.31 -16.65 7.71
CA ALA A 130 9.11 -17.19 7.14
C ALA A 130 8.17 -17.50 8.27
N TYR A 131 6.88 -17.27 8.04
CA TYR A 131 5.82 -17.63 8.98
C TYR A 131 5.46 -19.08 8.86
N VAL A 132 5.70 -19.83 9.94
CA VAL A 132 5.54 -21.28 9.87
C VAL A 132 4.11 -21.71 9.61
N ASP A 133 3.13 -20.93 10.07
CA ASP A 133 1.72 -21.28 9.87
C ASP A 133 1.13 -20.55 8.65
N TRP A 134 1.99 -20.34 7.65
CA TRP A 134 1.56 -19.69 6.41
C TRP A 134 0.25 -20.25 5.81
N ASP A 135 0.12 -21.58 5.72
CA ASP A 135 -0.97 -22.15 4.94
C ASP A 135 -2.33 -21.69 5.48
N ALA A 136 -2.45 -21.74 6.81
CA ALA A 136 -3.70 -21.36 7.44
C ALA A 136 -3.94 -19.87 7.26
N PHE A 137 -2.86 -19.09 7.31
CA PHE A 137 -2.99 -17.66 7.10
C PHE A 137 -3.39 -17.32 5.66
N GLU A 138 -2.86 -18.06 4.69
CA GLU A 138 -3.19 -17.82 3.30
C GLU A 138 -4.70 -18.01 3.13
N THR A 139 -5.26 -18.98 3.82
CA THR A 139 -6.68 -19.23 3.73
C THR A 139 -7.45 -17.99 4.22
N LEU A 140 -7.00 -17.39 5.33
CA LEU A 140 -7.61 -16.13 5.80
C LEU A 140 -7.50 -14.99 4.79
N LEU A 141 -6.32 -14.83 4.20
CA LEU A 141 -6.12 -13.79 3.20
C LEU A 141 -7.06 -13.98 2.02
N ARG A 142 -7.17 -15.21 1.53
CA ARG A 142 -8.05 -15.46 0.38
C ARG A 142 -9.53 -15.21 0.73
N ALA A 143 -9.91 -15.53 1.96
CA ALA A 143 -11.28 -15.29 2.34
C ALA A 143 -11.52 -13.77 2.32
N ARG A 144 -10.52 -13.02 2.75
CA ARG A 144 -10.68 -11.56 2.79
C ARG A 144 -10.80 -10.93 1.39
N LEU A 145 -10.04 -11.45 0.44
CA LEU A 145 -10.09 -10.99 -0.91
C LEU A 145 -11.33 -11.46 -1.68
N GLY A 146 -11.91 -12.55 -1.21
CA GLY A 146 -13.18 -13.03 -1.78
C GLY A 146 -13.07 -13.34 -3.25
N ASP A 147 -14.12 -13.11 -4.04
N ASP A 147 -14.19 -13.10 -3.95
CA ASP A 147 -14.01 -13.51 -5.44
CA ASP A 147 -14.25 -13.17 -5.39
C ASP A 147 -13.36 -12.51 -6.40
C ASP A 147 -13.97 -11.85 -6.12
N GLY A 148 -12.73 -11.42 -5.93
CA GLY A 148 -11.98 -10.48 -6.87
C GLY A 148 -12.42 -9.18 -6.33
N PRO A 149 -12.02 -8.13 -7.00
CA PRO A 149 -11.35 -8.06 -8.29
C PRO A 149 -9.84 -8.30 -8.22
N VAL A 150 -9.29 -8.32 -7.02
CA VAL A 150 -7.87 -8.54 -6.86
C VAL A 150 -7.56 -9.98 -6.56
N HIS A 151 -6.69 -10.59 -7.36
CA HIS A 151 -6.19 -11.92 -7.13
C HIS A 151 -4.82 -11.93 -6.50
N ASP A 153 -1.34 -14.46 -5.93
CA ASP A 153 -0.53 -15.64 -6.16
C ASP A 153 0.53 -15.66 -5.12
N THR A 154 0.73 -16.82 -4.49
CA THR A 154 1.82 -17.02 -3.55
C THR A 154 2.97 -17.66 -4.29
N LEU A 155 4.06 -16.96 -4.37
CA LEU A 155 5.18 -17.48 -5.15
C LEU A 155 5.93 -18.53 -4.40
N GLY A 156 6.37 -19.52 -5.17
CA GLY A 156 7.23 -20.54 -4.62
C GLY A 156 8.64 -20.09 -4.33
N GLU A 157 9.32 -20.79 -3.44
CA GLU A 157 10.67 -20.40 -3.08
C GLU A 157 11.52 -20.55 -4.31
N ASP A 158 11.12 -21.46 -5.22
CA ASP A 158 11.88 -21.75 -6.44
C ASP A 158 11.91 -20.62 -7.46
N VAL A 159 11.04 -19.62 -7.31
CA VAL A 159 11.10 -18.46 -8.18
C VAL A 159 11.66 -17.20 -7.49
N ARG A 160 12.11 -17.32 -6.26
CA ARG A 160 12.63 -16.13 -5.57
C ARG A 160 13.81 -15.50 -6.38
N GLU A 161 14.71 -16.32 -6.92
CA GLU A 161 15.81 -15.75 -7.65
C GLU A 161 15.32 -15.05 -8.93
N GLU A 162 14.32 -15.61 -9.59
CA GLU A 162 13.79 -14.97 -10.81
CA GLU A 162 13.79 -14.97 -10.80
C GLU A 162 13.22 -13.58 -10.47
N VAL A 163 12.56 -13.49 -9.36
CA VAL A 163 12.06 -12.18 -8.92
C VAL A 163 13.21 -11.24 -8.60
N ALA A 164 14.25 -11.74 -7.91
CA ALA A 164 15.41 -10.95 -7.61
C ALA A 164 16.09 -10.44 -8.87
N GLU A 165 16.16 -11.29 -9.88
CA GLU A 165 16.80 -10.86 -11.11
C GLU A 165 15.92 -9.88 -11.89
N ALA A 166 14.57 -10.05 -11.78
CA ALA A 166 13.69 -9.06 -12.38
C ALA A 166 13.88 -7.68 -11.71
N ALA A 167 14.06 -7.70 -10.42
CA ALA A 167 14.37 -6.49 -9.68
C ALA A 167 15.67 -5.84 -10.15
N ALA A 168 16.72 -6.64 -10.34
CA ALA A 168 17.99 -6.12 -10.81
C ALA A 168 17.82 -5.56 -12.21
N LEU A 169 17.03 -6.24 -13.04
CA LEU A 169 16.81 -5.79 -14.41
C LEU A 169 16.14 -4.44 -14.43
N THR A 170 15.22 -4.28 -13.49
CA THR A 170 14.50 -3.03 -13.40
C THR A 170 15.49 -1.90 -13.08
N GLU A 171 16.37 -2.12 -12.12
CA GLU A 171 17.33 -1.11 -11.76
C GLU A 171 18.22 -0.81 -12.98
N SER A 172 18.64 -1.85 -13.69
CA SER A 172 19.43 -1.64 -14.90
CA SER A 172 19.47 -1.63 -14.88
C SER A 172 18.77 -0.79 -15.98
N LEU A 173 17.50 -1.01 -16.18
CA LEU A 173 16.70 -0.26 -17.15
C LEU A 173 16.54 1.18 -16.70
N ARG A 174 16.74 1.44 -15.39
CA ARG A 174 16.60 2.79 -14.87
C ARG A 174 17.91 3.53 -14.76
N LEU A 175 19.02 2.88 -15.15
CA LEU A 175 20.32 3.45 -14.93
C LEU A 175 20.36 4.86 -15.55
N TYR A 176 19.83 5.01 -16.75
CA TYR A 176 19.97 6.31 -17.40
C TYR A 176 18.69 7.12 -17.36
N ASP A 177 17.78 6.73 -16.49
CA ASP A 177 16.53 7.45 -16.31
C ASP A 177 16.75 8.50 -15.22
N ALA A 178 17.20 9.66 -15.64
CA ALA A 178 17.59 10.67 -14.66
C ALA A 178 16.44 11.11 -13.80
N ALA A 179 15.28 11.21 -14.43
CA ALA A 179 14.09 11.60 -13.70
C ALA A 179 13.76 10.61 -12.60
N TYR A 180 13.81 9.31 -12.90
CA TYR A 180 13.59 8.31 -11.85
C TYR A 180 14.49 8.54 -10.65
N HIS A 181 15.77 8.80 -10.94
CA HIS A 181 16.74 8.97 -9.88
C HIS A 181 16.55 10.26 -9.10
N SER A 182 16.12 11.32 -9.78
CA SER A 182 15.88 12.55 -9.05
C SER A 182 14.61 12.43 -8.23
N GLU A 183 13.62 11.70 -8.72
CA GLU A 183 12.41 11.45 -7.97
C GLU A 183 12.72 10.61 -6.73
N LEU A 184 13.54 9.61 -6.88
CA LEU A 184 13.88 8.76 -5.76
C LEU A 184 14.63 9.55 -4.69
N ALA A 185 15.51 10.44 -5.14
CA ALA A 185 16.22 11.32 -4.21
C ALA A 185 15.28 12.27 -3.49
N TRP A 186 14.41 12.88 -4.26
CA TRP A 186 13.45 13.83 -3.72
C TRP A 186 12.62 13.19 -2.63
N TRP A 187 12.06 12.03 -2.95
CA TRP A 187 11.15 11.45 -1.99
C TRP A 187 11.84 10.65 -0.90
N THR A 188 13.17 10.75 -0.83
CA THR A 188 13.90 10.20 0.29
C THR A 188 14.77 11.29 0.94
N THR A 189 14.48 12.55 0.67
CA THR A 189 15.33 13.56 1.27
C THR A 189 15.19 13.54 2.80
N PRO A 190 16.33 13.61 3.53
CA PRO A 190 16.24 13.57 4.98
C PRO A 190 15.54 14.78 5.59
N PHE A 191 15.40 15.87 4.84
CA PHE A 191 14.78 17.05 5.39
C PHE A 191 13.25 17.10 5.18
N ALA A 192 12.66 16.04 4.67
CA ALA A 192 11.21 16.06 4.58
C ALA A 192 10.65 15.85 5.99
N THR A 193 9.44 16.35 6.23
CA THR A 193 8.85 16.22 7.55
C THR A 193 7.44 15.62 7.56
N GLU A 194 6.73 15.70 6.43
CA GLU A 194 5.37 15.24 6.46
C GLU A 194 5.08 14.19 5.40
N ASP A 195 6.11 13.90 4.62
CA ASP A 195 5.95 12.94 3.50
C ASP A 195 7.32 12.41 3.14
N GLY A 196 7.38 11.56 2.16
CA GLY A 196 8.64 10.93 1.82
C GLY A 196 9.05 9.87 2.79
N ILE A 197 10.12 9.17 2.47
CA ILE A 197 10.62 8.04 3.24
C ILE A 197 11.74 8.55 4.14
N PRO A 198 11.57 8.45 5.44
CA PRO A 198 12.62 8.98 6.33
C PRO A 198 13.76 7.99 6.48
N GLN A 199 14.91 8.52 6.88
CA GLN A 199 16.11 7.69 7.00
C GLN A 199 15.88 6.50 7.90
N THR A 200 15.07 6.68 8.95
CA THR A 200 14.83 5.57 9.87
C THR A 200 14.04 4.42 9.26
N ALA A 201 13.47 4.64 8.08
CA ALA A 201 12.70 3.61 7.40
C ALA A 201 13.51 2.91 6.31
N LEU A 202 14.70 3.42 6.05
CA LEU A 202 15.59 2.87 5.05
C LEU A 202 16.60 1.94 5.71
N ILE A 203 17.28 1.16 4.90
CA ILE A 203 18.23 0.17 5.37
C ILE A 203 19.64 0.47 4.86
N SER A 204 20.62 -0.10 5.57
CA SER A 204 22.01 0.08 5.20
C SER A 204 22.39 -0.75 3.99
N ALA A 205 23.53 -0.39 3.41
CA ALA A 205 24.07 -1.18 2.33
C ALA A 205 24.21 -2.62 2.75
N GLU A 206 24.74 -2.88 3.93
CA GLU A 206 24.91 -4.26 4.36
C GLU A 206 23.59 -5.00 4.52
N GLU A 207 22.60 -4.32 5.10
CA GLU A 207 21.31 -4.97 5.26
C GLU A 207 20.66 -5.25 3.91
N SER A 208 20.84 -4.33 2.97
CA SER A 208 20.27 -4.52 1.66
C SER A 208 20.80 -5.78 0.93
N GLU A 209 22.07 -6.12 1.18
CA GLU A 209 22.63 -7.36 0.64
C GLU A 209 21.84 -8.60 1.05
N ARG A 210 21.08 -8.50 2.15
CA ARG A 210 20.39 -9.64 2.68
C ARG A 210 18.93 -9.69 2.35
N VAL A 211 18.47 -8.77 1.51
CA VAL A 211 17.08 -8.80 1.03
C VAL A 211 17.02 -8.77 -0.46
N ALA A 212 16.80 -9.96 -1.06
CA ALA A 212 16.84 -10.07 -2.53
C ALA A 212 15.69 -9.38 -3.21
N VAL A 213 14.51 -9.48 -2.63
CA VAL A 213 13.35 -8.92 -3.27
C VAL A 213 13.16 -7.54 -2.65
N SER A 214 13.64 -6.52 -3.35
CA SER A 214 13.59 -5.16 -2.86
C SER A 214 13.78 -4.19 -3.97
N ARG A 215 13.35 -2.95 -3.75
CA ARG A 215 13.75 -1.83 -4.59
C ARG A 215 14.98 -1.23 -3.97
N ASP A 216 15.94 -0.84 -4.80
CA ASP A 216 17.07 -0.10 -4.28
C ASP A 216 16.67 1.31 -3.90
N PHE A 217 16.99 1.70 -2.67
CA PHE A 217 16.77 3.05 -2.21
C PHE A 217 18.13 3.56 -1.80
N PRO A 218 18.27 4.87 -1.68
CA PRO A 218 19.48 5.41 -1.05
C PRO A 218 19.70 4.73 0.31
N VAL A 219 20.95 4.41 0.61
CA VAL A 219 21.21 3.67 1.82
C VAL A 219 21.20 4.61 3.03
N ALA A 220 20.71 4.04 4.13
CA ALA A 220 20.75 4.66 5.44
C ALA A 220 22.18 4.49 5.94
N PRO A 221 22.51 5.19 7.01
CA PRO A 221 23.81 4.96 7.63
C PRO A 221 24.06 3.50 8.00
N HIS A 222 25.32 3.12 8.00
CA HIS A 222 25.66 1.72 8.25
C HIS A 222 25.07 1.14 9.52
N SER A 223 24.57 -0.09 9.41
CA SER A 223 24.02 -0.86 10.48
C SER A 223 23.90 -2.28 9.98
N SER A 224 23.81 -3.24 10.91
CA SER A 224 23.65 -4.64 10.56
C SER A 224 22.63 -5.31 11.44
N ARG A 225 21.38 -4.89 11.30
CA ARG A 225 20.31 -5.41 12.11
C ARG A 225 19.87 -6.83 11.70
N ARG A 226 19.26 -7.53 12.65
CA ARG A 226 18.79 -8.89 12.46
C ARG A 226 19.91 -9.74 11.86
N PRO A 227 21.09 -9.72 12.51
CA PRO A 227 22.25 -10.41 11.94
C PRO A 227 22.10 -11.93 11.86
N ALA A 228 21.20 -12.50 12.66
CA ALA A 228 20.92 -13.94 12.55
C ALA A 228 20.28 -14.37 11.24
N LEU A 229 19.71 -13.42 10.51
CA LEU A 229 19.04 -13.77 9.27
C LEU A 229 20.01 -13.45 8.13
N ASN A 230 20.61 -14.50 7.57
CA ASN A 230 21.57 -14.32 6.50
C ASN A 230 20.90 -13.87 5.20
N ASN A 231 19.62 -14.20 5.06
CA ASN A 231 18.81 -13.85 3.89
C ASN A 231 17.34 -13.72 4.28
N ASP A 232 16.68 -12.82 3.59
CA ASP A 232 15.27 -12.66 3.77
C ASP A 232 14.59 -13.96 3.40
N ALA A 233 13.63 -14.35 4.21
CA ALA A 233 12.81 -15.54 3.95
C ALA A 233 11.31 -15.22 3.91
N ALA A 234 10.98 -13.96 3.74
CA ALA A 234 9.58 -13.58 3.55
C ALA A 234 8.94 -14.40 2.46
N THR A 235 7.69 -14.72 2.67
CA THR A 235 6.87 -15.24 1.59
C THR A 235 6.52 -14.08 0.67
N ILE A 236 6.64 -14.31 -0.62
CA ILE A 236 6.33 -13.32 -1.63
C ILE A 236 5.00 -13.58 -2.27
N VAL A 237 4.05 -12.63 -2.15
CA VAL A 237 2.79 -12.72 -2.83
C VAL A 237 2.66 -11.60 -3.85
N VAL A 238 1.97 -11.93 -4.93
CA VAL A 238 1.72 -10.99 -6.01
C VAL A 238 0.23 -10.71 -6.01
N LEU A 239 -0.16 -9.45 -5.99
CA LEU A 239 -1.56 -9.04 -6.18
C LEU A 239 -1.74 -8.53 -7.57
N SER A 240 -2.81 -8.99 -8.22
CA SER A 240 -3.02 -8.70 -9.62
C SER A 240 -4.51 -8.43 -9.92
N THR A 241 -4.70 -7.80 -11.07
CA THR A 241 -6.01 -7.42 -11.59
C THR A 241 -6.16 -7.88 -13.00
N ASP A 242 -7.40 -7.80 -13.50
CA ASP A 242 -7.69 -8.22 -14.85
C ASP A 242 -6.98 -7.37 -15.87
N GLY A 243 -6.82 -6.09 -15.62
CA GLY A 243 -6.21 -5.18 -16.58
C GLY A 243 -5.36 -4.14 -15.86
N TYR A 244 -4.90 -3.15 -16.62
CA TYR A 244 -4.12 -2.04 -16.08
C TYR A 244 -4.76 -0.65 -16.28
N SER A 245 -6.02 -0.55 -16.09
CA SER A 245 -6.68 0.75 -16.18
C SER A 245 -6.65 1.46 -14.79
N ARG A 246 -7.11 2.71 -14.74
CA ARG A 246 -7.22 3.40 -13.45
C ARG A 246 -8.18 2.66 -12.54
N GLU A 247 -9.27 2.12 -13.10
CA GLU A 247 -10.17 1.35 -12.28
C GLU A 247 -9.46 0.16 -11.62
N ASP A 248 -8.63 -0.53 -12.40
CA ASP A 248 -7.88 -1.65 -11.88
C ASP A 248 -6.89 -1.20 -10.79
N ALA A 249 -6.26 -0.04 -10.99
CA ALA A 249 -5.33 0.49 -10.00
C ALA A 249 -6.01 0.74 -8.66
N LEU A 250 -7.17 1.36 -8.75
CA LEU A 250 -7.93 1.61 -7.52
C LEU A 250 -8.29 0.32 -6.82
N ASP A 251 -8.80 -0.66 -7.60
CA ASP A 251 -9.10 -1.94 -7.02
C ASP A 251 -7.86 -2.55 -6.38
N ALA A 252 -6.73 -2.51 -7.08
CA ALA A 252 -5.51 -3.04 -6.53
C ALA A 252 -5.13 -2.48 -5.15
N GLY A 253 -5.32 -1.18 -5.01
CA GLY A 253 -4.99 -0.55 -3.74
C GLY A 253 -5.94 -0.97 -2.65
N GLU A 254 -7.24 -1.10 -2.95
CA GLU A 254 -8.11 -1.63 -1.94
C GLU A 254 -7.72 -3.04 -1.52
N GLY A 255 -7.34 -3.90 -2.49
CA GLY A 255 -6.88 -5.24 -2.17
C GLY A 255 -5.59 -5.24 -1.37
N LEU A 256 -4.70 -4.32 -1.73
CA LEU A 256 -3.44 -4.21 -1.01
C LEU A 256 -3.67 -3.83 0.44
N SER A 257 -4.56 -2.88 0.66
CA SER A 257 -4.95 -2.50 2.01
C SER A 257 -5.50 -3.66 2.77
N LYS A 258 -6.37 -4.43 2.15
CA LYS A 258 -6.94 -5.58 2.86
C LYS A 258 -5.87 -6.58 3.28
N VAL A 259 -4.94 -6.85 2.36
CA VAL A 259 -3.86 -7.78 2.64
C VAL A 259 -2.95 -7.26 3.74
N LEU A 260 -2.55 -6.01 3.66
CA LEU A 260 -1.62 -5.47 4.63
C LEU A 260 -2.25 -5.45 6.04
N LEU A 261 -3.49 -5.07 6.12
CA LEU A 261 -4.17 -5.06 7.41
C LEU A 261 -4.39 -6.44 7.94
N GLU A 262 -4.78 -7.38 7.08
CA GLU A 262 -4.93 -8.74 7.57
C GLU A 262 -3.58 -9.30 8.13
N CYS A 263 -2.50 -9.02 7.41
CA CYS A 263 -1.19 -9.44 7.89
C CYS A 263 -0.85 -8.84 9.25
N THR A 264 -1.08 -7.55 9.38
CA THR A 264 -0.78 -6.82 10.58
C THR A 264 -1.61 -7.35 11.77
N SER A 266 -2.62 -10.27 12.24
CA SER A 266 -2.01 -11.56 12.63
C SER A 266 -0.55 -11.49 13.11
N GLY A 267 -0.04 -10.28 13.25
CA GLY A 267 1.27 -10.06 13.84
C GLY A 267 2.41 -10.26 12.84
N LEU A 268 2.06 -10.22 11.56
CA LEU A 268 3.02 -10.45 10.49
C LEU A 268 3.57 -9.12 9.95
N ALA A 269 4.86 -9.12 9.71
CA ALA A 269 5.56 -8.02 9.04
C ALA A 269 5.25 -8.01 7.55
N THR A 270 5.25 -6.81 6.97
CA THR A 270 4.94 -6.59 5.56
C THR A 270 5.84 -5.58 4.92
N CYS A 271 6.04 -5.72 3.62
CA CYS A 271 6.77 -4.72 2.90
C CYS A 271 6.27 -4.83 1.41
N PRO A 272 5.62 -3.79 0.91
CA PRO A 272 5.30 -3.81 -0.52
C PRO A 272 6.58 -3.61 -1.36
N VAL A 273 6.60 -4.17 -2.58
CA VAL A 273 7.69 -4.00 -3.50
C VAL A 273 7.02 -3.81 -4.83
N THR A 274 7.26 -2.69 -5.50
CA THR A 274 6.52 -2.39 -6.73
C THR A 274 7.35 -2.05 -7.96
N HIS A 275 8.67 -1.93 -7.81
CA HIS A 275 9.40 -1.44 -8.96
C HIS A 275 9.35 -2.40 -10.13
N VAL A 276 9.31 -3.71 -9.83
CA VAL A 276 9.17 -4.70 -10.87
C VAL A 276 7.85 -4.64 -11.62
N THR A 277 6.88 -3.84 -11.14
CA THR A 277 5.65 -3.65 -11.86
C THR A 277 5.63 -2.36 -12.65
N GLU A 278 6.66 -1.52 -12.54
CA GLU A 278 6.68 -0.18 -13.13
C GLU A 278 7.14 -0.08 -14.57
N LEU A 279 7.72 -1.16 -15.08
CA LEU A 279 8.19 -1.24 -16.45
C LEU A 279 7.50 -2.41 -17.14
N HIS A 280 7.34 -2.30 -18.46
CA HIS A 280 6.71 -3.38 -19.19
C HIS A 280 7.55 -4.65 -19.11
N THR A 281 8.85 -4.51 -19.28
CA THR A 281 9.71 -5.66 -19.37
C THR A 281 9.64 -6.46 -18.07
N SER A 282 9.72 -5.75 -16.95
CA SER A 282 9.71 -6.31 -15.62
CA SER A 282 9.76 -6.42 -15.69
C SER A 282 8.37 -6.90 -15.28
N ARG A 283 7.33 -6.15 -15.57
CA ARG A 283 6.01 -6.61 -15.21
C ARG A 283 5.64 -7.85 -16.00
N ASP A 284 6.15 -7.98 -17.23
CA ASP A 284 5.87 -9.16 -18.03
C ASP A 284 6.58 -10.36 -17.40
N ILE A 285 7.77 -10.17 -16.89
CA ILE A 285 8.47 -11.25 -16.16
C ILE A 285 7.65 -11.73 -14.95
N ILE A 286 7.12 -10.80 -14.18
CA ILE A 286 6.29 -11.16 -13.06
C ILE A 286 4.98 -11.81 -13.54
N GLY A 287 4.40 -11.28 -14.62
CA GLY A 287 3.22 -11.87 -15.21
C GLY A 287 3.37 -13.33 -15.52
N ARG A 288 4.54 -13.75 -16.01
CA ARG A 288 4.73 -15.15 -16.33
C ARG A 288 4.84 -16.05 -15.09
N LEU A 289 4.97 -15.45 -13.89
CA LEU A 289 5.01 -16.22 -12.66
C LEU A 289 3.64 -16.44 -12.03
N ILE A 290 2.62 -15.80 -12.60
CA ILE A 290 1.31 -15.82 -12.00
C ILE A 290 0.27 -16.38 -12.99
N VAL A 291 -0.95 -16.54 -12.52
CA VAL A 291 -1.99 -17.18 -13.34
C VAL A 291 -2.33 -16.40 -14.59
N ARG A 292 -2.43 -17.13 -15.69
N ARG A 292 -2.31 -17.12 -15.70
CA ARG A 292 -2.94 -16.59 -16.96
CA ARG A 292 -2.68 -16.59 -17.03
C ARG A 292 -3.75 -15.30 -16.89
C ARG A 292 -2.21 -15.17 -17.32
N ASP A 293 -3.36 -14.34 -17.71
N ASP A 293 -3.14 -14.27 -17.65
CA ASP A 293 -4.17 -13.16 -17.98
CA ASP A 293 -2.73 -12.92 -18.08
C ASP A 293 -4.25 -12.12 -16.81
C ASP A 293 -3.11 -11.84 -17.11
N ALA A 294 -3.32 -12.25 -15.84
CA ALA A 294 -3.41 -11.36 -14.71
C ALA A 294 -2.30 -10.35 -14.82
N CYS A 295 -2.63 -9.13 -14.43
CA CYS A 295 -1.71 -7.99 -14.47
C CYS A 295 -1.14 -7.71 -13.08
N PRO A 296 0.13 -8.00 -12.88
CA PRO A 296 0.75 -7.79 -11.56
C PRO A 296 0.79 -6.34 -11.16
N GLN A 297 0.30 -6.06 -9.98
CA GLN A 297 0.17 -4.69 -9.51
C GLN A 297 1.12 -4.35 -8.38
N VAL A 298 1.40 -5.32 -7.50
CA VAL A 298 2.25 -5.09 -6.33
C VAL A 298 2.65 -6.44 -5.78
N LEU A 299 3.87 -6.54 -5.31
CA LEU A 299 4.36 -7.67 -4.56
C LEU A 299 4.33 -7.30 -3.08
N VAL A 300 4.11 -8.28 -2.22
CA VAL A 300 4.24 -8.04 -0.82
C VAL A 300 5.07 -9.13 -0.20
N ARG A 301 6.07 -8.70 0.54
CA ARG A 301 6.84 -9.62 1.40
C ARG A 301 6.08 -9.76 2.71
N ILE A 302 5.84 -11.00 3.15
CA ILE A 302 5.08 -11.27 4.37
C ILE A 302 5.85 -12.28 5.19
N GLY A 303 6.08 -11.95 6.45
CA GLY A 303 6.87 -12.81 7.31
C GLY A 303 6.89 -12.31 8.74
N LEU A 304 7.92 -12.71 9.47
CA LEU A 304 8.02 -12.34 10.90
C LEU A 304 9.24 -11.48 11.12
N ALA A 305 9.04 -10.44 11.90
CA ALA A 305 10.13 -9.63 12.47
C ALA A 305 10.45 -10.17 13.86
N PRO A 306 11.68 -10.01 14.33
CA PRO A 306 12.01 -10.46 15.71
C PRO A 306 11.25 -9.62 16.74
N ALA A 307 10.52 -10.28 17.63
CA ALA A 307 9.55 -9.56 18.49
C ALA A 307 10.19 -8.52 19.42
N LEU A 308 11.44 -8.70 19.78
CA LEU A 308 12.03 -7.74 20.71
C LEU A 308 12.91 -6.67 20.04
N ASP A 309 13.00 -6.69 18.71
CA ASP A 309 13.69 -5.62 17.96
C ASP A 309 13.08 -4.28 18.38
N GLU A 310 13.91 -3.26 18.46
CA GLU A 310 13.43 -1.91 18.57
C GLU A 310 12.66 -1.58 17.26
N VAL A 311 11.57 -0.84 17.33
CA VAL A 311 10.78 -0.50 16.14
C VAL A 311 11.04 0.97 15.80
N PRO A 312 11.45 1.23 14.55
CA PRO A 312 11.63 2.63 14.15
C PRO A 312 10.37 3.44 14.32
N PRO A 313 10.53 4.76 14.43
CA PRO A 313 9.36 5.61 14.62
C PRO A 313 8.43 5.58 13.40
N PRO A 314 7.17 5.97 13.57
CA PRO A 314 6.28 5.96 12.41
C PRO A 314 6.73 6.94 11.36
N THR A 315 6.56 6.52 10.13
CA THR A 315 6.76 7.42 9.04
C THR A 315 5.74 8.52 9.11
N PRO A 316 6.12 9.71 8.61
CA PRO A 316 5.24 10.88 8.78
C PRO A 316 4.08 10.95 7.78
N ARG A 317 3.03 11.68 8.18
CA ARG A 317 1.93 11.98 7.28
C ARG A 317 1.61 13.46 7.29
N ARG A 318 1.01 13.91 6.21
CA ARG A 318 0.49 15.25 6.13
C ARG A 318 -0.68 15.39 7.10
N PRO A 319 -0.79 16.57 7.68
CA PRO A 319 -1.99 16.83 8.47
C PRO A 319 -3.25 16.81 7.62
N VAL A 320 -4.35 16.45 8.28
CA VAL A 320 -5.63 16.32 7.59
C VAL A 320 -6.01 17.63 6.92
N ASP A 321 -5.67 18.79 7.52
CA ASP A 321 -6.04 20.02 6.87
C ASP A 321 -5.21 20.35 5.62
N ALA A 322 -4.25 19.48 5.26
CA ALA A 322 -3.56 19.66 4.00
C ALA A 322 -4.31 19.05 2.83
N PHE A 323 -5.18 18.11 3.11
CA PHE A 323 -5.80 17.36 2.01
C PHE A 323 -7.31 17.11 2.12
N LEU A 324 -7.93 17.52 3.23
CA LEU A 324 -9.37 17.39 3.41
C LEU A 324 -9.99 18.77 3.26
N GLU A 325 -10.87 18.92 2.30
CA GLU A 325 -11.74 20.06 2.17
C GLU A 325 -13.10 19.73 2.71
N VAL A 326 -13.69 20.65 3.48
CA VAL A 326 -15.05 20.45 3.89
C VAL A 326 -15.81 21.67 3.35
N ARG A 327 -16.78 21.37 2.51
CA ARG A 327 -17.64 22.35 1.87
C ARG A 327 -18.93 22.43 2.63
N PRO A 328 -19.26 23.62 3.08
CA PRO A 328 -20.48 23.68 3.86
C PRO A 328 -21.72 23.49 3.02
N ARG A 329 -22.73 22.97 3.68
CA ARG A 329 -24.01 22.63 3.05
C ARG A 329 -24.67 23.83 2.41
#